data_2BIL
#
_entry.id   2BIL
#
_cell.length_a   98.100
_cell.length_b   98.100
_cell.length_c   80.040
_cell.angle_alpha   90.00
_cell.angle_beta   90.00
_cell.angle_gamma   120.00
#
_symmetry.space_group_name_H-M   'P 65'
#
loop_
_entity.id
_entity.type
_entity.pdbx_description
1 polymer 'CONSENSUS PIM1 PEPTIDE PIMTIDE'
2 polymer 'PROTO-ONCOGENE SERINE/THREONINE-PROTEIN KINASE PIM-1'
3 non-polymer 3-{1-[3-(DIMETHYLAMINO)PROPYL]-1H-INDOL-3-YL}-4-(1H-INDOL-3-YL)-1H-PYRROLE-2,5-DIONE
4 water water
#
loop_
_entity_poly.entity_id
_entity_poly.type
_entity_poly.pdbx_seq_one_letter_code
_entity_poly.pdbx_strand_id
1 'polypeptide(L)' ARKRRRHPSGPPTA A
2 'polypeptide(L)'
;MLLSKINSLAHLRAAPCNDLHATKLAPGKEKEPLESQYQVGPLLGSGGFGSVYSGIRVSDNLPVAIKHVEKDRISDWGEL
PNGTRVPMEVVLLKKVSSGFSGVIRLLDWFERPDSFVLILERPEPVQDLFDFITERGALQEELARSFFWQVLEAVRHCHN
CGVLHRDIKDENILIDLNRGELKLIDFGSGALLKDTVYTDFDGTRVYSPPEWIRYHRYHGRSAAVWSLGILLYDMVCGDI
PFEHDEEIIGGQVFFRQRVSSECQHLIRWCLALRPSDRPTFEEIQNHPWMQDVLLPQETAEIHLHSLSPGPSK
;
B
#
# COMPACT_ATOMS: atom_id res chain seq x y z
N LYS A 3 9.90 15.30 13.75
CA LYS A 3 10.72 14.07 13.55
C LYS A 3 9.92 13.08 12.75
N ARG A 4 9.88 13.22 11.44
CA ARG A 4 9.07 12.34 10.61
C ARG A 4 9.95 11.25 10.01
N ARG A 5 9.44 10.04 9.84
CA ARG A 5 10.30 8.99 9.33
C ARG A 5 9.59 7.78 8.83
N ARG A 6 10.33 7.06 8.01
CA ARG A 6 9.95 5.79 7.51
C ARG A 6 9.96 4.77 8.63
N HIS A 7 9.37 3.62 8.33
CA HIS A 7 9.14 2.56 9.34
C HIS A 7 9.18 1.20 8.63
N PRO A 8 10.28 0.48 8.75
CA PRO A 8 10.31 -0.75 8.00
C PRO A 8 9.44 -1.85 8.65
N SER A 9 9.06 -2.82 7.82
CA SER A 9 8.28 -4.02 8.16
C SER A 9 9.00 -5.01 9.07
N PRO B 33 15.75 -17.06 -20.82
CA PRO B 33 16.41 -15.73 -20.90
C PRO B 33 15.92 -14.73 -19.81
N LEU B 34 16.80 -13.95 -19.13
CA LEU B 34 16.47 -12.94 -18.14
C LEU B 34 17.15 -11.57 -18.34
N GLU B 35 18.49 -11.57 -18.29
CA GLU B 35 19.27 -10.36 -18.50
C GLU B 35 19.42 -10.04 -20.01
N SER B 36 18.72 -10.80 -20.88
CA SER B 36 18.56 -10.42 -22.31
C SER B 36 17.27 -9.60 -22.52
N GLN B 37 16.15 -10.10 -22.04
CA GLN B 37 14.87 -9.40 -22.14
C GLN B 37 14.77 -8.03 -21.47
N TYR B 38 15.49 -7.86 -20.35
CA TYR B 38 15.45 -6.66 -19.54
C TYR B 38 16.83 -6.07 -19.39
N GLN B 39 16.98 -4.80 -19.77
CA GLN B 39 18.20 -4.07 -19.47
C GLN B 39 18.03 -3.50 -18.07
N VAL B 40 19.02 -3.68 -17.21
CA VAL B 40 18.95 -3.29 -15.81
C VAL B 40 19.71 -2.02 -15.50
N GLY B 41 19.06 -1.16 -14.71
CA GLY B 41 19.63 0.11 -14.32
C GLY B 41 20.07 0.15 -12.86
N PRO B 42 20.04 1.37 -12.29
CA PRO B 42 20.39 1.74 -10.92
C PRO B 42 19.51 1.09 -9.89
N LEU B 43 20.08 0.77 -8.75
CA LEU B 43 19.29 0.26 -7.65
C LEU B 43 18.31 1.35 -7.24
N LEU B 44 17.03 1.01 -7.13
CA LEU B 44 15.99 1.92 -6.62
C LEU B 44 15.92 1.89 -5.08
N GLY B 45 16.15 0.73 -4.51
CA GLY B 45 16.24 0.61 -3.04
C GLY B 45 16.26 -0.82 -2.59
N SER B 46 16.36 -1.00 -1.30
CA SER B 46 16.44 -2.34 -0.73
C SER B 46 16.10 -2.32 0.74
N GLY B 47 15.56 -3.44 1.20
CA GLY B 47 15.15 -3.61 2.60
C GLY B 47 14.45 -4.94 2.76
N GLY B 48 13.44 -4.97 3.64
CA GLY B 48 12.64 -6.17 3.89
C GLY B 48 11.98 -6.82 2.68
N PHE B 49 11.89 -6.09 1.57
CA PHE B 49 11.31 -6.56 0.31
C PHE B 49 12.39 -6.96 -0.72
N GLY B 50 13.64 -7.13 -0.30
CA GLY B 50 14.72 -7.47 -1.22
C GLY B 50 15.36 -6.25 -1.87
N SER B 51 15.85 -6.41 -3.09
CA SER B 51 16.61 -5.37 -3.74
C SER B 51 15.88 -5.09 -5.01
N VAL B 52 15.57 -3.84 -5.27
CA VAL B 52 14.71 -3.51 -6.40
C VAL B 52 15.45 -2.58 -7.33
N TYR B 53 15.50 -2.93 -8.63
CA TYR B 53 16.26 -2.17 -9.60
C TYR B 53 15.39 -1.59 -10.71
N SER B 54 15.88 -0.50 -11.26
CA SER B 54 15.21 0.15 -12.38
C SER B 54 15.52 -0.67 -13.59
N GLY B 55 14.60 -0.74 -14.53
CA GLY B 55 14.83 -1.56 -15.70
C GLY B 55 14.00 -1.12 -16.89
N ILE B 56 14.40 -1.57 -18.07
CA ILE B 56 13.63 -1.27 -19.26
C ILE B 56 13.50 -2.59 -19.99
N ARG B 57 12.27 -2.91 -20.40
CA ARG B 57 12.04 -4.10 -21.19
C ARG B 57 12.53 -3.79 -22.59
N VAL B 58 13.36 -4.66 -23.14
CA VAL B 58 14.03 -4.40 -24.40
C VAL B 58 13.15 -4.55 -25.64
N SER B 59 12.11 -5.37 -25.58
CA SER B 59 11.24 -5.56 -26.74
C SER B 59 10.35 -4.34 -27.04
N ASP B 60 10.17 -3.45 -26.06
CA ASP B 60 9.34 -2.26 -26.28
C ASP B 60 9.65 -1.04 -25.36
N ASN B 61 10.85 -0.99 -24.76
CA ASN B 61 11.25 0.09 -23.81
C ASN B 61 10.25 0.30 -22.68
N LEU B 62 9.49 -0.70 -22.31
CA LEU B 62 8.54 -0.46 -21.23
C LEU B 62 9.36 -0.25 -19.98
N PRO B 63 9.13 0.86 -19.26
CA PRO B 63 9.77 0.97 -17.96
C PRO B 63 9.27 -0.08 -16.99
N VAL B 64 10.20 -0.75 -16.30
CA VAL B 64 9.91 -1.73 -15.27
C VAL B 64 10.82 -1.62 -14.05
N ALA B 65 10.47 -2.41 -13.02
CA ALA B 65 11.22 -2.56 -11.78
C ALA B 65 11.49 -4.04 -11.56
N ILE B 66 12.71 -4.34 -11.19
CA ILE B 66 13.20 -5.72 -11.10
C ILE B 66 13.51 -5.97 -9.63
N LYS B 67 12.82 -6.92 -9.02
CA LYS B 67 12.93 -7.13 -7.59
C LYS B 67 13.48 -8.48 -7.32
N HIS B 68 14.60 -8.52 -6.64
CA HIS B 68 15.24 -9.74 -6.28
C HIS B 68 15.02 -10.00 -4.82
N VAL B 69 14.87 -11.28 -4.52
CA VAL B 69 14.82 -11.75 -3.15
C VAL B 69 15.45 -13.13 -3.00
N GLU B 70 16.37 -13.25 -2.04
CA GLU B 70 16.98 -14.54 -1.72
C GLU B 70 15.99 -15.56 -1.14
N LYS B 71 16.05 -16.78 -1.64
CA LYS B 71 15.25 -17.87 -1.07
C LYS B 71 15.50 -18.04 0.43
N ASP B 72 16.76 -17.96 0.86
CA ASP B 72 17.11 -18.01 2.28
C ASP B 72 16.29 -17.03 3.15
N ARG B 73 15.93 -15.88 2.59
CA ARG B 73 15.26 -14.80 3.33
C ARG B 73 13.74 -14.77 3.19
N ILE B 74 13.14 -15.69 2.45
CA ILE B 74 11.68 -15.66 2.25
C ILE B 74 11.03 -16.36 3.42
N SER B 75 10.16 -15.68 4.16
CA SER B 75 9.48 -16.31 5.33
C SER B 75 8.16 -17.00 4.97
N ASP B 76 7.59 -16.70 3.80
CA ASP B 76 6.25 -17.18 3.46
C ASP B 76 6.12 -17.73 2.03
N TRP B 77 5.49 -18.89 1.89
CA TRP B 77 5.45 -19.59 0.60
C TRP B 77 4.03 -20.00 0.18
N GLY B 78 3.84 -20.23 -1.12
CA GLY B 78 2.56 -20.69 -1.68
C GLY B 78 2.76 -21.68 -2.81
N GLU B 79 1.70 -21.91 -3.61
CA GLU B 79 1.74 -22.83 -4.76
C GLU B 79 0.92 -22.22 -5.90
N LEU B 80 1.54 -22.12 -7.09
CA LEU B 80 0.91 -21.43 -8.24
C LEU B 80 -0.18 -22.35 -8.83
N PRO B 81 -1.02 -21.81 -9.76
CA PRO B 81 -1.91 -22.70 -10.54
C PRO B 81 -1.18 -23.90 -11.20
N ASN B 82 0.02 -23.70 -11.75
CA ASN B 82 0.90 -24.82 -12.16
C ASN B 82 1.08 -25.82 -11.00
N GLY B 83 0.95 -25.34 -9.77
CA GLY B 83 1.12 -26.15 -8.56
C GLY B 83 2.52 -26.06 -7.94
N THR B 84 3.31 -25.04 -8.29
CA THR B 84 4.76 -24.95 -7.91
C THR B 84 5.06 -24.09 -6.67
N ARG B 85 6.09 -24.46 -5.90
CA ARG B 85 6.46 -23.74 -4.66
C ARG B 85 7.02 -22.36 -5.04
N VAL B 86 6.28 -21.30 -4.69
CA VAL B 86 6.72 -19.91 -4.97
C VAL B 86 6.55 -19.01 -3.76
N PRO B 87 7.32 -17.93 -3.71
CA PRO B 87 7.04 -17.04 -2.61
C PRO B 87 5.58 -16.55 -2.62
N MET B 88 4.98 -16.40 -1.46
CA MET B 88 3.59 -15.99 -1.38
C MET B 88 3.34 -14.72 -2.18
N GLU B 89 4.33 -13.85 -2.27
CA GLU B 89 4.18 -12.57 -2.94
C GLU B 89 3.76 -12.74 -4.42
N VAL B 90 4.35 -13.73 -5.08
CA VAL B 90 4.07 -14.03 -6.49
C VAL B 90 2.62 -14.48 -6.63
N VAL B 91 2.20 -15.38 -5.73
CA VAL B 91 0.82 -15.85 -5.68
C VAL B 91 -0.14 -14.68 -5.60
N LEU B 92 0.10 -13.76 -4.67
CA LEU B 92 -0.79 -12.62 -4.46
C LEU B 92 -0.80 -11.63 -5.64
N LEU B 93 0.38 -11.27 -6.15
CA LEU B 93 0.46 -10.34 -7.30
C LEU B 93 -0.24 -10.91 -8.55
N LYS B 94 -0.12 -12.24 -8.73
CA LYS B 94 -0.79 -12.90 -9.86
C LYS B 94 -2.29 -12.81 -9.74
N LYS B 95 -2.83 -12.91 -8.53
CA LYS B 95 -4.28 -12.79 -8.30
C LYS B 95 -4.83 -11.37 -8.57
N VAL B 96 -3.99 -10.35 -8.35
CA VAL B 96 -4.42 -8.94 -8.50
C VAL B 96 -3.98 -8.28 -9.78
N SER B 97 -3.10 -8.93 -10.53
CA SER B 97 -2.53 -8.36 -11.76
C SER B 97 -3.44 -8.54 -13.00
N SER B 98 -4.56 -9.23 -12.85
CA SER B 98 -5.51 -9.34 -13.95
C SER B 98 -6.25 -8.04 -14.08
N GLY B 99 -6.32 -7.56 -15.32
CA GLY B 99 -7.06 -6.35 -15.67
C GLY B 99 -6.21 -5.15 -15.33
N PHE B 100 -6.75 -3.95 -15.57
CA PHE B 100 -6.13 -2.70 -15.13
C PHE B 100 -6.47 -2.46 -13.66
N SER B 101 -5.64 -1.73 -12.91
CA SER B 101 -6.09 -1.27 -11.61
C SER B 101 -5.12 -0.27 -10.91
N GLY B 102 -5.44 0.05 -9.66
CA GLY B 102 -4.59 0.85 -8.81
C GLY B 102 -3.52 0.02 -8.13
N VAL B 103 -3.21 -1.16 -8.68
CA VAL B 103 -2.08 -1.96 -8.22
C VAL B 103 -0.98 -2.02 -9.27
N ILE B 104 0.28 -2.02 -8.81
CA ILE B 104 1.45 -2.24 -9.64
C ILE B 104 1.51 -3.73 -9.98
N ARG B 105 1.49 -4.01 -11.26
CA ARG B 105 1.29 -5.32 -11.75
C ARG B 105 2.59 -6.09 -11.95
N LEU B 106 2.46 -7.39 -11.75
CA LEU B 106 3.54 -8.32 -12.01
C LEU B 106 3.57 -8.70 -13.48
N LEU B 107 4.62 -8.34 -14.19
CA LEU B 107 4.68 -8.63 -15.62
C LEU B 107 5.27 -10.00 -15.86
N ASP B 108 6.14 -10.44 -14.97
CA ASP B 108 6.87 -11.69 -15.15
C ASP B 108 7.63 -12.00 -13.89
N TRP B 109 8.16 -13.23 -13.82
CA TRP B 109 9.06 -13.67 -12.79
C TRP B 109 9.87 -14.90 -13.21
N PHE B 110 11.11 -14.94 -12.73
CA PHE B 110 12.03 -16.03 -12.97
C PHE B 110 12.42 -16.56 -11.64
N GLU B 111 12.70 -17.84 -11.57
CA GLU B 111 13.39 -18.40 -10.42
C GLU B 111 14.89 -18.66 -10.72
N ARG B 112 15.72 -18.33 -9.75
CA ARG B 112 17.13 -18.60 -9.78
C ARG B 112 17.45 -19.61 -8.71
N PRO B 113 18.69 -20.15 -8.71
CA PRO B 113 19.02 -21.20 -7.79
C PRO B 113 18.94 -20.71 -6.34
N ASP B 114 19.40 -19.49 -6.05
CA ASP B 114 19.32 -18.99 -4.66
C ASP B 114 18.35 -17.85 -4.44
N SER B 115 17.67 -17.40 -5.51
CA SER B 115 16.73 -16.24 -5.46
C SER B 115 15.57 -16.35 -6.44
N PHE B 116 14.59 -15.47 -6.30
CA PHE B 116 13.52 -15.25 -7.27
C PHE B 116 13.61 -13.81 -7.78
N VAL B 117 13.32 -13.59 -9.05
CA VAL B 117 13.33 -12.26 -9.63
C VAL B 117 11.92 -11.93 -10.14
N LEU B 118 11.35 -10.81 -9.70
CA LEU B 118 10.02 -10.38 -10.17
C LEU B 118 10.21 -9.15 -11.04
N ILE B 119 9.54 -9.12 -12.18
CA ILE B 119 9.50 -7.97 -13.05
C ILE B 119 8.16 -7.31 -12.85
N LEU B 120 8.20 -6.02 -12.54
CA LEU B 120 7.01 -5.25 -12.15
C LEU B 120 6.90 -3.97 -12.93
N GLU B 121 5.66 -3.52 -13.14
CA GLU B 121 5.38 -2.18 -13.68
C GLU B 121 6.19 -1.13 -12.92
N ARG B 122 6.64 -0.12 -13.65
CA ARG B 122 7.21 1.09 -13.05
C ARG B 122 6.67 2.29 -13.81
N PRO B 123 5.95 3.17 -13.09
CA PRO B 123 5.58 4.49 -13.63
C PRO B 123 6.78 5.40 -13.74
N GLU B 124 6.63 6.40 -14.55
CA GLU B 124 7.75 7.21 -14.98
C GLU B 124 7.13 8.46 -15.63
N PRO B 125 7.22 9.61 -14.95
CA PRO B 125 7.83 9.86 -13.64
C PRO B 125 6.94 9.43 -12.45
N VAL B 126 7.61 9.14 -11.34
CA VAL B 126 7.00 8.62 -10.13
C VAL B 126 7.62 9.21 -8.84
N GLN B 127 6.82 9.22 -7.77
CA GLN B 127 7.31 9.52 -6.43
C GLN B 127 6.46 8.75 -5.47
N ASP B 128 7.02 8.31 -4.37
CA ASP B 128 6.20 7.59 -3.44
C ASP B 128 5.44 8.61 -2.53
N LEU B 129 4.29 8.16 -2.01
CA LEU B 129 3.44 9.03 -1.24
C LEU B 129 4.10 9.50 0.06
N PHE B 130 5.04 8.72 0.59
CA PHE B 130 5.81 9.16 1.76
C PHE B 130 6.74 10.35 1.47
N ASP B 131 7.48 10.32 0.38
CA ASP B 131 8.29 11.50 0.04
C ASP B 131 7.48 12.69 -0.40
N PHE B 132 6.33 12.45 -1.03
CA PHE B 132 5.52 13.51 -1.59
C PHE B 132 5.01 14.33 -0.45
N ILE B 133 4.55 13.64 0.59
CA ILE B 133 4.03 14.27 1.81
C ILE B 133 5.11 14.97 2.67
N THR B 134 6.29 14.38 2.77
CA THR B 134 7.43 15.05 3.38
C THR B 134 7.78 16.38 2.67
N GLU B 135 7.81 16.37 1.35
CA GLU B 135 8.11 17.59 0.60
C GLU B 135 6.96 18.62 0.67
N ARG B 136 5.71 18.15 0.65
CA ARG B 136 4.62 19.09 0.59
C ARG B 136 3.89 19.37 1.85
N GLY B 137 4.24 18.68 2.92
CA GLY B 137 3.50 18.80 4.19
C GLY B 137 2.08 18.25 4.08
N ALA B 138 1.26 18.60 5.06
CA ALA B 138 -0.14 18.19 5.08
C ALA B 138 -0.80 18.53 3.76
N LEU B 139 -1.56 17.60 3.21
CA LEU B 139 -2.21 17.85 1.93
C LEU B 139 -3.55 18.55 2.12
N GLN B 140 -3.89 19.38 1.17
CA GLN B 140 -5.24 19.90 1.07
C GLN B 140 -6.26 18.78 0.99
N GLU B 141 -7.39 18.98 1.66
CA GLU B 141 -8.44 17.98 1.74
C GLU B 141 -8.88 17.44 0.35
N GLU B 142 -9.05 18.34 -0.62
CA GLU B 142 -9.48 17.91 -1.95
C GLU B 142 -8.52 16.89 -2.59
N LEU B 143 -7.24 17.10 -2.34
CA LEU B 143 -6.17 16.24 -2.84
C LEU B 143 -6.05 14.97 -2.00
N ALA B 144 -6.07 15.10 -0.69
CA ALA B 144 -6.16 13.95 0.18
C ALA B 144 -7.35 13.06 -0.15
N ARG B 145 -8.50 13.68 -0.43
CA ARG B 145 -9.72 12.94 -0.81
C ARG B 145 -9.52 12.13 -2.12
N SER B 146 -8.82 12.75 -3.09
CA SER B 146 -8.62 12.08 -4.37
C SER B 146 -7.69 10.91 -4.15
N PHE B 147 -6.62 11.10 -3.38
CA PHE B 147 -5.66 10.03 -3.18
C PHE B 147 -6.29 8.86 -2.42
N PHE B 148 -6.89 9.22 -1.30
CA PHE B 148 -7.47 8.26 -0.41
C PHE B 148 -8.57 7.45 -1.12
N TRP B 149 -9.46 8.08 -1.86
CA TRP B 149 -10.39 7.29 -2.72
C TRP B 149 -9.66 6.27 -3.62
N GLN B 150 -8.59 6.70 -4.28
CA GLN B 150 -7.88 5.79 -5.20
C GLN B 150 -7.27 4.60 -4.45
N VAL B 151 -6.79 4.88 -3.22
CA VAL B 151 -6.23 3.82 -2.41
C VAL B 151 -7.41 2.90 -2.02
N LEU B 152 -8.53 3.48 -1.62
CA LEU B 152 -9.68 2.63 -1.29
C LEU B 152 -10.13 1.71 -2.43
N GLU B 153 -10.22 2.23 -3.64
CA GLU B 153 -10.50 1.35 -4.81
C GLU B 153 -9.44 0.24 -5.01
N ALA B 154 -8.17 0.61 -4.84
CA ALA B 154 -7.06 -0.34 -5.08
C ALA B 154 -7.17 -1.52 -4.06
N VAL B 155 -7.47 -1.16 -2.82
CA VAL B 155 -7.67 -2.15 -1.75
C VAL B 155 -8.92 -3.01 -1.94
N ARG B 156 -10.01 -2.38 -2.35
CA ARG B 156 -11.19 -3.12 -2.77
C ARG B 156 -10.89 -4.11 -3.89
N HIS B 157 -10.08 -3.70 -4.84
CA HIS B 157 -9.70 -4.58 -5.91
C HIS B 157 -8.98 -5.77 -5.33
N CYS B 158 -8.06 -5.52 -4.40
CA CYS B 158 -7.31 -6.63 -3.80
C CYS B 158 -8.26 -7.58 -3.12
N HIS B 159 -9.16 -7.02 -2.29
CA HIS B 159 -10.04 -7.88 -1.53
C HIS B 159 -10.93 -8.71 -2.44
N ASN B 160 -11.41 -8.11 -3.52
CA ASN B 160 -12.21 -8.82 -4.49
C ASN B 160 -11.43 -9.96 -5.10
N CYS B 161 -10.11 -9.82 -5.21
CA CYS B 161 -9.30 -10.91 -5.77
C CYS B 161 -8.81 -11.92 -4.72
N GLY B 162 -9.28 -11.81 -3.48
CA GLY B 162 -8.90 -12.74 -2.43
C GLY B 162 -7.53 -12.48 -1.81
N VAL B 163 -7.02 -11.25 -1.97
CA VAL B 163 -5.73 -10.81 -1.46
C VAL B 163 -5.90 -9.71 -0.38
N LEU B 164 -5.17 -9.87 0.71
CA LEU B 164 -5.13 -8.91 1.77
C LEU B 164 -3.72 -8.38 1.84
N HIS B 165 -3.54 -7.07 1.64
CA HIS B 165 -2.20 -6.50 1.51
C HIS B 165 -1.39 -6.50 2.83
N ARG B 166 -1.98 -5.99 3.93
CA ARG B 166 -1.40 -6.03 5.30
C ARG B 166 -0.24 -5.08 5.57
N ASP B 167 0.07 -4.22 4.62
CA ASP B 167 1.06 -3.17 4.80
C ASP B 167 0.66 -1.86 4.08
N ILE B 168 -0.58 -1.46 4.23
CA ILE B 168 -0.99 -0.25 3.53
C ILE B 168 -0.36 0.87 4.33
N LYS B 169 0.38 1.75 3.67
CA LYS B 169 0.98 2.92 4.29
C LYS B 169 1.53 3.83 3.19
N ASP B 170 1.81 5.09 3.48
CA ASP B 170 2.27 6.01 2.41
C ASP B 170 3.48 5.50 1.63
N GLU B 171 4.35 4.77 2.30
CA GLU B 171 5.55 4.28 1.64
C GLU B 171 5.25 3.18 0.65
N ASN B 172 4.09 2.53 0.77
CA ASN B 172 3.68 1.52 -0.20
C ASN B 172 2.69 2.01 -1.24
N ILE B 173 2.72 3.32 -1.50
CA ILE B 173 1.91 3.91 -2.53
C ILE B 173 2.74 4.83 -3.40
N LEU B 174 2.74 4.55 -4.71
CA LEU B 174 3.43 5.33 -5.68
C LEU B 174 2.46 6.21 -6.39
N ILE B 175 2.90 7.43 -6.69
CA ILE B 175 2.13 8.36 -7.52
C ILE B 175 2.72 8.48 -8.91
N ASP B 176 1.93 8.16 -9.92
CA ASP B 176 2.26 8.49 -11.29
C ASP B 176 1.90 9.95 -11.47
N LEU B 177 2.90 10.81 -11.52
CA LEU B 177 2.67 12.26 -11.47
C LEU B 177 1.99 12.82 -12.71
N ASN B 178 2.21 12.20 -13.87
CA ASN B 178 1.59 12.63 -15.12
C ASN B 178 0.10 12.29 -15.18
N ARG B 179 -0.22 11.07 -14.80
CA ARG B 179 -1.59 10.58 -14.87
C ARG B 179 -2.44 10.85 -13.59
N GLY B 180 -1.79 11.21 -12.48
CA GLY B 180 -2.48 11.48 -11.21
C GLY B 180 -3.01 10.22 -10.52
N GLU B 181 -2.37 9.09 -10.86
CA GLU B 181 -2.80 7.72 -10.51
C GLU B 181 -1.94 7.11 -9.40
N LEU B 182 -2.57 6.57 -8.34
CA LEU B 182 -1.86 5.91 -7.25
C LEU B 182 -1.81 4.39 -7.50
N LYS B 183 -0.69 3.74 -7.22
CA LYS B 183 -0.55 2.28 -7.40
C LYS B 183 0.01 1.68 -6.10
N LEU B 184 -0.55 0.57 -5.65
CA LEU B 184 -0.04 -0.12 -4.45
C LEU B 184 1.17 -0.97 -4.73
N ILE B 185 2.12 -1.00 -3.79
CA ILE B 185 3.29 -1.84 -3.93
C ILE B 185 3.56 -2.65 -2.68
N ASP B 186 4.44 -3.64 -2.85
CA ASP B 186 5.01 -4.45 -1.78
C ASP B 186 3.96 -5.36 -1.16
N PHE B 187 3.72 -6.49 -1.81
CA PHE B 187 2.86 -7.54 -1.27
C PHE B 187 3.59 -8.61 -0.42
N GLY B 188 4.78 -8.28 0.07
CA GLY B 188 5.61 -9.23 0.82
C GLY B 188 5.16 -9.51 2.23
N SER B 189 4.23 -8.74 2.78
CA SER B 189 3.61 -9.04 4.07
C SER B 189 2.19 -9.57 3.88
N GLY B 190 1.75 -9.73 2.64
CA GLY B 190 0.35 -10.01 2.37
C GLY B 190 -0.05 -11.44 2.68
N ALA B 191 -1.35 -11.68 2.70
CA ALA B 191 -1.90 -13.02 2.79
C ALA B 191 -3.09 -13.18 1.86
N LEU B 192 -3.45 -14.42 1.60
CA LEU B 192 -4.78 -14.74 1.11
C LEU B 192 -5.84 -14.12 2.06
N LEU B 193 -6.88 -13.53 1.51
CA LEU B 193 -7.95 -13.03 2.33
C LEU B 193 -8.83 -14.20 2.84
N LYS B 194 -9.26 -14.09 4.10
CA LYS B 194 -10.14 -15.08 4.77
C LYS B 194 -10.92 -14.34 5.84
N ASP B 195 -12.04 -14.95 6.25
CA ASP B 195 -12.92 -14.39 7.25
C ASP B 195 -12.62 -14.81 8.73
N THR B 196 -11.71 -15.78 8.90
CA THR B 196 -11.24 -16.20 10.23
C THR B 196 -10.05 -15.35 10.69
N VAL B 197 -9.59 -15.58 11.91
CA VAL B 197 -8.64 -14.67 12.55
C VAL B 197 -7.23 -14.86 12.01
N TYR B 198 -6.44 -13.80 12.04
CA TYR B 198 -5.04 -13.86 11.68
C TYR B 198 -4.22 -13.77 12.96
N THR B 199 -3.23 -14.64 13.12
CA THR B 199 -2.37 -14.59 14.31
C THR B 199 -0.89 -14.35 13.97
N ASP B 200 -0.63 -14.02 12.72
CA ASP B 200 0.69 -13.72 12.22
C ASP B 200 0.52 -12.34 11.57
N PHE B 201 1.56 -11.52 11.67
CA PHE B 201 1.57 -10.25 11.03
C PHE B 201 2.99 -9.81 11.00
N ASP B 202 3.38 -9.23 9.94
CA ASP B 202 4.67 -8.59 10.03
C ASP B 202 4.80 -7.45 9.01
N GLY B 203 3.78 -6.60 8.96
CA GLY B 203 3.86 -5.35 8.27
C GLY B 203 4.39 -4.30 9.22
N THR B 204 3.93 -3.07 9.07
CA THR B 204 4.52 -1.94 9.76
C THR B 204 3.77 -1.78 11.09
N ARG B 205 4.50 -1.85 12.21
CA ARG B 205 3.83 -1.79 13.50
C ARG B 205 2.95 -0.52 13.67
N VAL B 206 3.45 0.64 13.21
CA VAL B 206 2.76 1.92 13.47
C VAL B 206 1.45 2.07 12.69
N TYR B 207 1.24 1.21 11.70
CA TYR B 207 -0.03 1.18 10.95
C TYR B 207 -0.92 -0.02 11.34
N SER B 208 -0.45 -0.80 12.33
CA SER B 208 -1.10 -2.00 12.82
C SER B 208 -2.05 -1.62 13.95
N PRO B 209 -3.09 -2.44 14.15
CA PRO B 209 -4.21 -2.00 14.99
C PRO B 209 -4.02 -2.44 16.40
N PRO B 210 -4.79 -1.81 17.26
CA PRO B 210 -4.65 -2.08 18.67
C PRO B 210 -4.89 -3.55 19.08
N GLU B 211 -5.72 -4.29 18.34
CA GLU B 211 -5.94 -5.70 18.67
C GLU B 211 -4.76 -6.55 18.28
N TRP B 212 -3.94 -6.07 17.36
CA TRP B 212 -2.67 -6.74 17.10
C TRP B 212 -1.73 -6.51 18.29
N ILE B 213 -1.69 -5.29 18.79
CA ILE B 213 -0.73 -4.91 19.83
C ILE B 213 -1.08 -5.68 21.07
N ARG B 214 -2.36 -5.76 21.41
CA ARG B 214 -2.75 -6.31 22.72
C ARG B 214 -2.90 -7.80 22.72
N TYR B 215 -3.38 -8.38 21.61
CA TYR B 215 -3.63 -9.83 21.55
C TYR B 215 -3.02 -10.61 20.41
N HIS B 216 -2.20 -10.01 19.57
CA HIS B 216 -1.62 -10.78 18.45
C HIS B 216 -2.76 -11.52 17.73
N ARG B 217 -3.87 -10.81 17.51
CA ARG B 217 -5.06 -11.31 16.78
C ARG B 217 -5.78 -10.18 16.05
N TYR B 218 -6.25 -10.42 14.83
CA TYR B 218 -7.00 -9.37 14.09
C TYR B 218 -7.77 -10.01 12.92
N HIS B 219 -8.75 -9.29 12.37
CA HIS B 219 -9.45 -9.79 11.18
C HIS B 219 -9.11 -8.85 10.06
N GLY B 220 -9.14 -9.35 8.84
CA GLY B 220 -8.54 -8.66 7.73
C GLY B 220 -9.00 -7.27 7.39
N ARG B 221 -10.30 -7.11 7.21
CA ARG B 221 -10.86 -5.88 6.70
C ARG B 221 -10.77 -4.82 7.74
N SER B 222 -11.09 -5.22 8.97
CA SER B 222 -11.15 -4.28 10.06
C SER B 222 -9.74 -3.78 10.31
N ALA B 223 -8.74 -4.64 10.16
CA ALA B 223 -7.36 -4.19 10.31
C ALA B 223 -6.99 -3.28 9.17
N ALA B 224 -7.50 -3.59 7.98
CA ALA B 224 -7.13 -2.78 6.81
C ALA B 224 -7.66 -1.35 7.02
N VAL B 225 -8.90 -1.27 7.45
CA VAL B 225 -9.55 0.02 7.70
C VAL B 225 -8.82 0.82 8.75
N TRP B 226 -8.32 0.19 9.79
CA TRP B 226 -7.45 0.90 10.75
C TRP B 226 -6.28 1.54 10.05
N SER B 227 -5.55 0.76 9.23
CA SER B 227 -4.37 1.27 8.50
C SER B 227 -4.72 2.43 7.62
N LEU B 228 -5.87 2.35 6.98
CA LEU B 228 -6.37 3.42 6.13
C LEU B 228 -6.71 4.68 6.94
N GLY B 229 -7.22 4.51 8.16
CA GLY B 229 -7.40 5.64 9.09
C GLY B 229 -6.07 6.34 9.40
N ILE B 230 -5.03 5.55 9.68
CA ILE B 230 -3.69 6.08 9.93
C ILE B 230 -3.21 6.83 8.68
N LEU B 231 -3.42 6.22 7.52
CA LEU B 231 -3.02 6.83 6.24
C LEU B 231 -3.73 8.15 5.96
N LEU B 232 -5.02 8.22 6.22
CA LEU B 232 -5.74 9.45 5.99
C LEU B 232 -5.20 10.54 6.91
N TYR B 233 -4.90 10.21 8.17
CA TYR B 233 -4.45 11.22 9.12
C TYR B 233 -3.12 11.73 8.57
N ASP B 234 -2.26 10.78 8.17
CA ASP B 234 -0.95 11.07 7.61
C ASP B 234 -1.09 12.10 6.45
N MET B 235 -2.07 11.87 5.58
CA MET B 235 -2.28 12.74 4.45
C MET B 235 -2.70 14.13 4.90
N VAL B 236 -3.64 14.21 5.83
CA VAL B 236 -4.17 15.54 6.18
C VAL B 236 -3.38 16.28 7.27
N CYS B 237 -2.52 15.60 7.99
CA CYS B 237 -1.77 16.24 9.06
C CYS B 237 -0.28 16.37 8.74
N GLY B 238 0.22 15.53 7.84
CA GLY B 238 1.62 15.54 7.47
C GLY B 238 2.43 14.41 8.07
N ASP B 239 1.86 13.70 9.04
CA ASP B 239 2.55 12.57 9.70
C ASP B 239 1.50 11.63 10.31
N ILE B 240 1.90 10.39 10.58
CA ILE B 240 1.05 9.46 11.29
C ILE B 240 0.74 9.90 12.74
N PRO B 241 -0.40 9.44 13.29
CA PRO B 241 -0.84 9.87 14.63
C PRO B 241 -0.08 9.25 15.83
N PHE B 242 0.42 8.03 15.67
CA PHE B 242 0.93 7.23 16.77
C PHE B 242 2.30 6.73 16.39
N GLU B 243 3.25 6.81 17.32
CA GLU B 243 4.59 6.21 17.15
C GLU B 243 4.78 5.00 18.08
N HIS B 244 4.10 4.98 19.23
CA HIS B 244 4.36 4.01 20.30
C HIS B 244 3.15 3.14 20.57
N ASP B 245 3.40 1.92 21.04
CA ASP B 245 2.32 0.99 21.39
C ASP B 245 1.26 1.63 22.27
N GLU B 246 1.67 2.30 23.32
CA GLU B 246 0.74 2.90 24.24
C GLU B 246 -0.19 3.88 23.54
N GLU B 247 0.34 4.64 22.59
CA GLU B 247 -0.51 5.57 21.83
C GLU B 247 -1.53 4.83 20.94
N ILE B 248 -1.09 3.73 20.31
CA ILE B 248 -1.94 2.89 19.43
C ILE B 248 -3.15 2.33 20.20
N ILE B 249 -2.89 1.83 21.39
CA ILE B 249 -3.97 1.24 22.20
C ILE B 249 -4.82 2.28 22.95
N GLY B 250 -4.34 3.51 23.11
CA GLY B 250 -5.12 4.56 23.79
C GLY B 250 -6.23 5.12 22.89
N GLY B 251 -6.05 4.99 21.57
CA GLY B 251 -6.94 5.62 20.58
C GLY B 251 -7.40 7.02 20.97
N GLN B 252 -6.45 7.91 21.20
CA GLN B 252 -6.79 9.34 21.26
C GLN B 252 -6.12 10.02 20.10
N VAL B 253 -6.93 10.70 19.33
CA VAL B 253 -6.51 11.27 18.08
C VAL B 253 -6.50 12.76 18.30
N PHE B 254 -5.32 13.29 18.55
CA PHE B 254 -5.08 14.70 18.58
C PHE B 254 -4.73 15.09 17.11
N PHE B 255 -5.46 16.07 16.57
CA PHE B 255 -5.19 16.65 15.26
C PHE B 255 -4.20 17.79 15.33
N ARG B 256 -3.11 17.67 14.57
CA ARG B 256 -2.03 18.65 14.65
C ARG B 256 -2.14 19.74 13.56
N GLN B 257 -3.06 19.58 12.61
CA GLN B 257 -3.39 20.58 11.62
C GLN B 257 -4.90 20.78 11.60
N ARG B 258 -5.25 21.91 11.02
CA ARG B 258 -6.62 22.24 10.75
C ARG B 258 -7.14 21.16 9.83
N VAL B 259 -8.21 20.48 10.24
CA VAL B 259 -8.83 19.45 9.46
C VAL B 259 -10.32 19.56 9.70
N SER B 260 -11.11 19.43 8.64
CA SER B 260 -12.52 19.68 8.73
C SER B 260 -13.14 18.66 9.67
N SER B 261 -14.26 19.04 10.26
CA SER B 261 -15.06 18.19 11.14
C SER B 261 -15.45 16.85 10.48
N GLU B 262 -15.79 16.89 9.19
CA GLU B 262 -16.23 15.68 8.46
C GLU B 262 -15.08 14.72 8.32
N CYS B 263 -13.91 15.25 8.00
CA CYS B 263 -12.73 14.41 7.82
C CYS B 263 -12.29 13.82 9.15
N GLN B 264 -12.35 14.64 10.20
CA GLN B 264 -11.99 14.19 11.56
C GLN B 264 -12.90 13.03 11.98
N HIS B 265 -14.17 13.14 11.68
CA HIS B 265 -15.10 12.11 12.02
C HIS B 265 -14.74 10.82 11.27
N LEU B 266 -14.40 10.92 9.99
CA LEU B 266 -14.10 9.67 9.24
C LEU B 266 -12.90 8.99 9.81
N ILE B 267 -11.87 9.79 10.06
CA ILE B 267 -10.63 9.28 10.60
C ILE B 267 -10.88 8.64 11.95
N ARG B 268 -11.63 9.29 12.83
CA ARG B 268 -11.90 8.71 14.16
C ARG B 268 -12.71 7.44 14.03
N TRP B 269 -13.61 7.39 13.06
CA TRP B 269 -14.35 6.18 12.80
C TRP B 269 -13.42 5.01 12.39
N CYS B 270 -12.43 5.28 11.50
CA CYS B 270 -11.52 4.25 11.04
C CYS B 270 -10.68 3.74 12.15
N LEU B 271 -10.41 4.65 13.11
CA LEU B 271 -9.55 4.39 14.26
C LEU B 271 -10.32 4.11 15.56
N ALA B 272 -11.58 3.64 15.46
CA ALA B 272 -12.27 3.04 16.61
C ALA B 272 -11.45 1.90 17.20
N LEU B 273 -11.31 1.89 18.51
CA LEU B 273 -10.59 0.80 19.17
C LEU B 273 -11.20 -0.59 18.92
N ARG B 274 -12.52 -0.73 19.04
CA ARG B 274 -13.16 -2.00 18.81
C ARG B 274 -13.30 -2.22 17.30
N PRO B 275 -12.70 -3.30 16.79
CA PRO B 275 -12.74 -3.57 15.34
C PRO B 275 -14.14 -3.48 14.68
N SER B 276 -15.16 -3.91 15.41
CA SER B 276 -16.49 -4.05 14.87
C SER B 276 -17.18 -2.70 14.79
N ASP B 277 -16.67 -1.72 15.54
CA ASP B 277 -17.06 -0.30 15.38
C ASP B 277 -16.45 0.44 14.17
N ARG B 278 -15.47 -0.16 13.50
CA ARG B 278 -14.90 0.48 12.33
C ARG B 278 -15.90 0.41 11.15
N PRO B 279 -15.81 1.35 10.21
CA PRO B 279 -16.63 1.29 9.01
C PRO B 279 -16.16 0.25 8.03
N THR B 280 -17.10 -0.20 7.21
CA THR B 280 -16.81 -1.02 6.05
C THR B 280 -16.33 -0.10 4.94
N PHE B 281 -15.75 -0.69 3.90
CA PHE B 281 -15.35 0.06 2.71
C PHE B 281 -16.52 0.85 2.15
N GLU B 282 -17.71 0.25 2.13
CA GLU B 282 -18.88 0.98 1.69
C GLU B 282 -19.21 2.18 2.55
N GLU B 283 -19.14 2.03 3.86
CA GLU B 283 -19.45 3.21 4.70
C GLU B 283 -18.45 4.35 4.54
N ILE B 284 -17.20 3.97 4.29
CA ILE B 284 -16.18 4.96 4.03
C ILE B 284 -16.42 5.71 2.72
N GLN B 285 -16.70 4.96 1.66
CA GLN B 285 -16.81 5.62 0.37
C GLN B 285 -18.12 6.41 0.20
N ASN B 286 -19.07 6.15 1.11
CA ASN B 286 -20.35 6.85 1.21
C ASN B 286 -20.34 7.91 2.29
N HIS B 287 -19.24 8.05 3.04
CA HIS B 287 -19.18 9.08 4.02
C HIS B 287 -19.24 10.46 3.32
N PRO B 288 -19.84 11.48 3.96
CA PRO B 288 -19.93 12.80 3.30
C PRO B 288 -18.60 13.47 2.91
N TRP B 289 -17.56 13.27 3.71
CA TRP B 289 -16.27 13.80 3.33
C TRP B 289 -15.78 13.18 2.01
N MET B 290 -16.25 11.97 1.69
CA MET B 290 -15.72 11.29 0.52
C MET B 290 -16.37 11.66 -0.83
N GLN B 291 -17.36 12.55 -0.82
CA GLN B 291 -18.10 12.87 -2.05
C GLN B 291 -17.38 13.84 -2.96
N ASP B 292 -17.84 13.86 -4.20
CA ASP B 292 -17.34 14.74 -5.24
C ASP B 292 -15.85 14.68 -5.45
N VAL B 293 -15.37 13.45 -5.51
CA VAL B 293 -13.96 13.21 -5.65
C VAL B 293 -13.53 13.69 -7.03
N LEU B 294 -12.34 14.28 -7.13
CA LEU B 294 -11.77 14.63 -8.43
C LEU B 294 -11.39 13.37 -9.21
N LEU B 295 -11.37 13.49 -10.53
CA LEU B 295 -10.80 12.44 -11.38
C LEU B 295 -9.26 12.47 -11.31
N PRO B 296 -8.62 11.36 -11.66
CA PRO B 296 -7.16 11.34 -11.62
C PRO B 296 -6.46 12.37 -12.52
N GLN B 297 -6.99 12.66 -13.72
CA GLN B 297 -6.35 13.64 -14.57
C GLN B 297 -6.58 15.04 -13.99
N GLU B 298 -7.79 15.32 -13.49
CA GLU B 298 -8.04 16.57 -12.78
C GLU B 298 -7.07 16.74 -11.59
N THR B 299 -6.89 15.67 -10.82
CA THR B 299 -5.97 15.73 -9.69
C THR B 299 -4.57 16.12 -10.17
N ALA B 300 -4.16 15.65 -11.34
CA ALA B 300 -2.84 15.98 -11.86
C ALA B 300 -2.74 17.44 -12.28
N GLU B 301 -3.75 17.92 -13.02
CA GLU B 301 -3.73 19.28 -13.58
C GLU B 301 -3.75 20.31 -12.49
N ILE B 302 -4.55 20.05 -11.47
CA ILE B 302 -4.71 20.97 -10.36
C ILE B 302 -3.59 20.87 -9.37
N HIS B 303 -3.21 19.66 -8.99
CA HIS B 303 -2.33 19.49 -7.85
C HIS B 303 -0.96 18.96 -8.17
N LEU B 304 -0.73 18.40 -9.35
CA LEU B 304 0.57 17.80 -9.67
C LEU B 304 1.38 18.43 -10.79
N HIS B 305 0.79 18.80 -11.94
CA HIS B 305 1.57 19.50 -13.01
C HIS B 305 1.92 20.89 -12.48
N SER B 306 0.94 21.53 -11.84
CA SER B 306 1.12 22.78 -11.10
C SER B 306 0.11 22.81 -9.94
#